data_5GPL
#
_entry.id   5GPL
#
_cell.length_a   86.662
_cell.length_b   86.662
_cell.length_c   158.771
_cell.angle_alpha   90.00
_cell.angle_beta   90.00
_cell.angle_gamma   90.00
#
_symmetry.space_group_name_H-M   'P 41 2 2'
#
loop_
_entity.id
_entity.type
_entity.pdbx_description
1 polymer 'Putative nucleosome assembly protein C36B7.08c'
2 water water
#
_entity_poly.entity_id   1
_entity_poly.type   'polypeptide(L)'
_entity_poly.pdbx_seq_one_letter_code
;MEAAQAFENLANLEQEFGKAEIEILKKQNELFQPLFEQRRDILKTINNFWVVVLEAAGDEISQYITPEDSVLLEKLENIY
VERFNEKEPRDVRISLTFQPNEYLQDDNLTLVKEVRIKEEKAKDDEGLEKKITKYTSQPVDIHWKPGKSLFRKNKKLPPN
FFDYFQWTGEEEDDDFDGATLTIFLAEDLFPNAVKYFTEAMTEEASDEDESVDLEEDEEEEDEEDEEGDEEKQEPPSKKS
KKSNAAAENLYFQGLEDYKDDDDKHHHHHHHHHH
;
_entity_poly.pdbx_strand_id   A,B
#
# COMPACT_ATOMS: atom_id res chain seq x y z
N GLU A 2 -1.89 -4.45 -33.76
CA GLU A 2 -2.80 -5.57 -33.61
C GLU A 2 -3.12 -5.88 -32.15
N ALA A 3 -4.33 -5.52 -31.75
CA ALA A 3 -4.73 -5.62 -30.36
C ALA A 3 -4.72 -7.05 -29.83
N ALA A 4 -5.23 -7.99 -30.63
CA ALA A 4 -5.40 -9.38 -30.19
C ALA A 4 -4.08 -10.01 -29.72
N GLN A 5 -3.05 -9.97 -30.56
CA GLN A 5 -1.76 -10.57 -30.21
C GLN A 5 -1.14 -9.88 -29.00
N ALA A 6 -1.28 -8.56 -28.93
CA ALA A 6 -0.74 -7.78 -27.82
C ALA A 6 -1.35 -8.19 -26.49
N PHE A 7 -2.67 -8.31 -26.46
CA PHE A 7 -3.36 -8.64 -25.20
C PHE A 7 -3.15 -10.11 -24.81
N GLU A 8 -2.98 -10.97 -25.80
CA GLU A 8 -2.62 -12.35 -25.50
C GLU A 8 -1.25 -12.40 -24.86
N ASN A 9 -0.32 -11.62 -25.41
CA ASN A 9 1.04 -11.55 -24.88
C ASN A 9 1.07 -10.94 -23.50
N LEU A 10 0.22 -9.93 -23.27
CA LEU A 10 0.13 -9.30 -21.96
C LEU A 10 -0.35 -10.31 -20.92
N ALA A 11 -1.33 -11.12 -21.29
CA ALA A 11 -1.88 -12.12 -20.37
C ALA A 11 -0.83 -13.18 -20.01
N ASN A 12 -0.04 -13.61 -20.99
CA ASN A 12 1.03 -14.55 -20.70
C ASN A 12 2.04 -13.92 -19.73
N LEU A 13 2.36 -12.65 -19.98
CA LEU A 13 3.34 -11.93 -19.16
C LEU A 13 2.83 -11.70 -17.74
N GLU A 14 1.52 -11.49 -17.60
CA GLU A 14 0.93 -11.32 -16.28
CA GLU A 14 0.90 -11.35 -16.29
C GLU A 14 1.16 -12.56 -15.41
N GLN A 15 1.16 -13.73 -16.05
CA GLN A 15 1.42 -14.99 -15.34
C GLN A 15 2.84 -14.99 -14.79
N GLU A 16 3.79 -14.48 -15.57
CA GLU A 16 5.18 -14.40 -15.15
CA GLU A 16 5.17 -14.41 -15.13
C GLU A 16 5.33 -13.40 -14.01
N PHE A 17 4.60 -12.28 -14.10
CA PHE A 17 4.58 -11.28 -13.05
C PHE A 17 4.07 -11.88 -11.74
N GLY A 18 3.00 -12.67 -11.85
CA GLY A 18 2.43 -13.34 -10.69
C GLY A 18 3.42 -14.25 -10.01
N LYS A 19 4.15 -15.04 -10.80
CA LYS A 19 5.15 -15.96 -10.27
C LYS A 19 6.30 -15.20 -9.59
N ALA A 20 6.74 -14.10 -10.21
CA ALA A 20 7.78 -13.27 -9.60
C ALA A 20 7.29 -12.69 -8.28
N GLU A 21 6.03 -12.24 -8.28
CA GLU A 21 5.44 -11.63 -7.09
C GLU A 21 5.40 -12.62 -5.92
N ILE A 22 5.02 -13.85 -6.22
CA ILE A 22 5.00 -14.91 -5.22
C ILE A 22 6.40 -15.18 -4.66
N GLU A 23 7.38 -15.21 -5.56
CA GLU A 23 8.76 -15.43 -5.16
C GLU A 23 9.25 -14.31 -4.25
N ILE A 24 8.93 -13.07 -4.60
CA ILE A 24 9.32 -11.92 -3.79
C ILE A 24 8.70 -11.97 -2.41
N LEU A 25 7.40 -12.27 -2.36
CA LEU A 25 6.68 -12.36 -1.10
C LEU A 25 7.29 -13.45 -0.21
N LYS A 26 7.63 -14.59 -0.81
CA LYS A 26 8.28 -15.66 -0.07
C LYS A 26 9.61 -15.22 0.51
N LYS A 27 10.42 -14.57 -0.33
CA LYS A 27 11.71 -14.05 0.10
C LYS A 27 11.53 -13.03 1.23
N GLN A 28 10.52 -12.18 1.08
CA GLN A 28 10.24 -11.16 2.08
C GLN A 28 9.90 -11.79 3.42
N ASN A 29 9.01 -12.78 3.39
CA ASN A 29 8.64 -13.50 4.60
C ASN A 29 9.84 -14.20 5.23
N GLU A 30 10.71 -14.75 4.39
CA GLU A 30 11.89 -15.47 4.86
C GLU A 30 12.84 -14.55 5.66
N LEU A 31 13.00 -13.32 5.19
CA LEU A 31 13.89 -12.37 5.85
C LEU A 31 13.25 -11.70 7.07
N PHE A 32 11.95 -11.41 6.97
CA PHE A 32 11.26 -10.66 8.02
C PHE A 32 10.84 -11.52 9.21
N GLN A 33 10.57 -12.80 8.96
CA GLN A 33 10.02 -13.68 10.00
C GLN A 33 10.86 -13.74 11.28
N PRO A 34 12.18 -14.01 11.18
CA PRO A 34 12.91 -14.05 12.45
C PRO A 34 12.96 -12.68 13.14
N LEU A 35 12.91 -11.61 12.36
CA LEU A 35 12.94 -10.26 12.93
C LEU A 35 11.63 -9.94 13.65
N PHE A 36 10.51 -10.29 13.03
CA PHE A 36 9.20 -10.09 13.66
C PHE A 36 9.04 -10.96 14.89
N GLU A 37 9.66 -12.14 14.85
CA GLU A 37 9.61 -13.07 15.97
C GLU A 37 10.41 -12.54 17.15
N GLN A 38 11.58 -11.99 16.88
CA GLN A 38 12.39 -11.34 17.91
C GLN A 38 11.67 -10.13 18.47
N ARG A 39 11.04 -9.36 17.58
CA ARG A 39 10.30 -8.17 17.99
C ARG A 39 9.14 -8.54 18.91
N ARG A 40 8.46 -9.63 18.56
CA ARG A 40 7.33 -10.12 19.35
C ARG A 40 7.72 -10.37 20.81
N ASP A 41 8.87 -11.01 21.01
CA ASP A 41 9.36 -11.32 22.35
C ASP A 41 9.65 -10.04 23.15
N ILE A 42 10.09 -9.00 22.44
CA ILE A 42 10.35 -7.71 23.08
C ILE A 42 9.06 -7.00 23.46
N LEU A 43 8.13 -6.87 22.50
CA LEU A 43 6.87 -6.16 22.70
C LEU A 43 6.03 -6.76 23.82
N LYS A 44 6.17 -8.07 24.01
CA LYS A 44 5.46 -8.78 25.07
C LYS A 44 5.74 -8.17 26.44
N THR A 45 6.92 -7.57 26.61
CA THR A 45 7.32 -7.00 27.90
C THR A 45 6.84 -5.56 28.10
N ILE A 46 6.38 -4.94 27.01
CA ILE A 46 5.99 -3.53 27.07
C ILE A 46 4.48 -3.41 27.27
N ASN A 47 4.07 -3.18 28.52
CA ASN A 47 2.65 -3.15 28.83
C ASN A 47 1.92 -2.04 28.08
N ASN A 48 0.75 -2.39 27.56
CA ASN A 48 -0.12 -1.46 26.83
C ASN A 48 0.48 -0.91 25.55
N PHE A 49 1.51 -1.59 25.04
CA PHE A 49 2.09 -1.23 23.75
C PHE A 49 1.05 -1.24 22.64
N TRP A 50 0.31 -2.34 22.54
CA TRP A 50 -0.57 -2.54 21.40
C TRP A 50 -1.85 -1.71 21.45
N VAL A 51 -2.37 -1.45 22.64
CA VAL A 51 -3.57 -0.60 22.73
C VAL A 51 -3.22 0.82 22.31
N VAL A 52 -2.00 1.26 22.62
CA VAL A 52 -1.53 2.57 22.16
C VAL A 52 -1.40 2.58 20.65
N VAL A 53 -0.83 1.51 20.09
CA VAL A 53 -0.67 1.40 18.64
C VAL A 53 -2.05 1.40 17.96
N LEU A 54 -2.96 0.59 18.48
CA LEU A 54 -4.32 0.52 17.94
C LEU A 54 -5.04 1.87 17.96
N GLU A 55 -4.83 2.62 19.03
CA GLU A 55 -5.51 3.91 19.18
C GLU A 55 -4.82 5.02 18.38
N ALA A 56 -3.62 4.75 17.91
CA ALA A 56 -2.89 5.72 17.10
C ALA A 56 -2.98 5.39 15.61
N ALA A 57 -3.58 4.24 15.30
CA ALA A 57 -3.59 3.72 13.94
C ALA A 57 -4.37 4.59 12.96
N GLY A 58 -5.50 5.13 13.40
CA GLY A 58 -6.31 5.97 12.54
C GLY A 58 -7.76 5.52 12.47
N ASP A 59 -8.49 6.03 11.48
CA ASP A 59 -9.91 5.77 11.36
C ASP A 59 -10.20 4.32 10.99
N GLU A 60 -9.25 3.67 10.32
CA GLU A 60 -9.44 2.28 9.90
C GLU A 60 -9.71 1.36 11.09
N ILE A 61 -9.13 1.72 12.24
CA ILE A 61 -9.35 0.96 13.47
C ILE A 61 -10.43 1.60 14.34
N SER A 62 -10.34 2.91 14.53
CA SER A 62 -11.19 3.62 15.48
C SER A 62 -12.68 3.57 15.11
N GLN A 63 -12.97 3.26 13.85
CA GLN A 63 -14.35 3.16 13.40
C GLN A 63 -15.05 1.95 14.03
N TYR A 64 -14.26 1.01 14.54
CA TYR A 64 -14.80 -0.20 15.15
C TYR A 64 -14.75 -0.15 16.68
N ILE A 65 -13.79 0.59 17.21
CA ILE A 65 -13.51 0.57 18.65
C ILE A 65 -14.62 1.22 19.47
N THR A 66 -15.23 0.42 20.34
CA THR A 66 -16.21 0.90 21.30
C THR A 66 -15.54 1.03 22.67
N PRO A 67 -16.15 1.78 23.60
CA PRO A 67 -15.64 1.89 24.98
C PRO A 67 -15.31 0.56 25.63
N GLU A 68 -16.13 -0.46 25.39
CA GLU A 68 -15.89 -1.78 25.99
C GLU A 68 -14.77 -2.52 25.27
N ASP A 69 -14.61 -2.26 23.97
CA ASP A 69 -13.48 -2.81 23.23
C ASP A 69 -12.17 -2.33 23.86
N SER A 70 -12.11 -1.03 24.14
CA SER A 70 -10.92 -0.40 24.71
C SER A 70 -10.53 -1.04 26.03
N VAL A 71 -11.52 -1.33 26.87
CA VAL A 71 -11.25 -1.95 28.17
C VAL A 71 -10.55 -3.29 28.00
N LEU A 72 -11.09 -4.14 27.12
CA LEU A 72 -10.48 -5.43 26.83
C LEU A 72 -9.11 -5.25 26.18
N LEU A 73 -8.99 -4.27 25.29
CA LEU A 73 -7.74 -4.05 24.57
C LEU A 73 -6.64 -3.56 25.50
N GLU A 74 -7.03 -3.03 26.67
CA GLU A 74 -6.05 -2.64 27.67
C GLU A 74 -5.28 -3.85 28.19
N LYS A 75 -5.84 -5.03 28.01
CA LYS A 75 -5.21 -6.26 28.45
C LYS A 75 -4.52 -7.00 27.30
N LEU A 76 -4.50 -6.37 26.12
CA LEU A 76 -3.86 -6.97 24.95
C LEU A 76 -2.34 -6.96 25.10
N GLU A 77 -1.75 -8.15 25.12
CA GLU A 77 -0.31 -8.32 25.34
C GLU A 77 0.48 -8.36 24.03
N ASN A 78 -0.12 -8.90 22.98
CA ASN A 78 0.59 -8.97 21.70
C ASN A 78 -0.31 -9.16 20.50
N ILE A 79 0.12 -8.60 19.38
CA ILE A 79 -0.46 -8.89 18.09
C ILE A 79 0.64 -9.51 17.23
N TYR A 80 0.39 -10.72 16.73
CA TYR A 80 1.37 -11.37 15.88
C TYR A 80 0.75 -11.82 14.57
N VAL A 81 1.47 -11.58 13.48
CA VAL A 81 0.99 -11.94 12.15
C VAL A 81 1.93 -12.96 11.52
N GLU A 82 1.40 -14.13 11.23
CA GLU A 82 2.17 -15.22 10.62
C GLU A 82 1.69 -15.55 9.23
N ARG A 83 2.61 -15.60 8.28
CA ARG A 83 2.29 -16.09 6.95
C ARG A 83 2.60 -17.57 6.89
N PHE A 84 1.61 -18.37 7.28
CA PHE A 84 1.80 -19.79 7.58
C PHE A 84 1.74 -20.69 6.36
N ASN A 85 1.03 -20.25 5.32
CA ASN A 85 0.84 -21.07 4.12
C ASN A 85 2.01 -20.95 3.14
N GLU A 86 2.78 -22.02 3.03
CA GLU A 86 3.96 -22.05 2.17
C GLU A 86 3.61 -21.80 0.70
N LYS A 87 2.48 -22.34 0.27
CA LYS A 87 2.04 -22.22 -1.12
C LYS A 87 1.54 -20.80 -1.39
N GLU A 88 0.90 -20.20 -0.38
CA GLU A 88 0.33 -18.86 -0.53
C GLU A 88 0.81 -17.93 0.58
N PRO A 89 1.84 -17.11 0.28
CA PRO A 89 2.43 -16.19 1.25
C PRO A 89 1.51 -15.03 1.62
N ARG A 90 0.39 -14.90 0.94
CA ARG A 90 -0.56 -13.83 1.25
C ARG A 90 -1.52 -14.25 2.36
N ASP A 91 -1.61 -15.56 2.62
CA ASP A 91 -2.41 -16.04 3.75
C ASP A 91 -1.81 -15.56 5.06
N VAL A 92 -2.64 -15.10 5.98
CA VAL A 92 -2.14 -14.65 7.27
C VAL A 92 -2.87 -15.27 8.45
N ARG A 93 -2.09 -15.58 9.48
CA ARG A 93 -2.63 -15.98 10.76
C ARG A 93 -2.37 -14.85 11.75
N ILE A 94 -3.44 -14.22 12.21
CA ILE A 94 -3.33 -13.09 13.13
C ILE A 94 -3.74 -13.51 14.53
N SER A 95 -2.80 -13.39 15.47
CA SER A 95 -3.04 -13.82 16.83
C SER A 95 -3.02 -12.65 17.80
N LEU A 96 -4.10 -12.50 18.56
CA LEU A 96 -4.19 -11.50 19.60
C LEU A 96 -4.10 -12.18 20.97
N THR A 97 -3.02 -11.92 21.70
CA THR A 97 -2.80 -12.54 23.00
C THR A 97 -3.16 -11.57 24.13
N PHE A 98 -4.02 -12.02 25.03
CA PHE A 98 -4.47 -11.17 26.13
C PHE A 98 -3.98 -11.69 27.47
N GLN A 99 -3.78 -10.76 28.41
CA GLN A 99 -3.62 -11.10 29.81
C GLN A 99 -5.00 -11.41 30.37
N PRO A 100 -5.07 -12.14 31.50
CA PRO A 100 -6.36 -12.45 32.12
C PRO A 100 -7.22 -11.21 32.31
N ASN A 101 -8.50 -11.33 32.00
CA ASN A 101 -9.40 -10.19 31.98
C ASN A 101 -10.83 -10.62 32.25
N GLU A 102 -11.74 -9.63 32.29
CA GLU A 102 -13.12 -9.90 32.66
C GLU A 102 -14.01 -10.27 31.47
N TYR A 103 -13.43 -10.27 30.26
CA TYR A 103 -14.22 -10.57 29.07
C TYR A 103 -13.98 -11.98 28.55
N LEU A 104 -12.74 -12.46 28.65
CA LEU A 104 -12.36 -13.75 28.09
C LEU A 104 -12.10 -14.80 29.17
N GLN A 105 -12.57 -16.02 28.95
CA GLN A 105 -12.21 -17.13 29.80
C GLN A 105 -10.72 -17.40 29.64
N ASP A 106 -10.08 -17.89 30.71
CA ASP A 106 -8.63 -18.13 30.70
C ASP A 106 -8.21 -19.13 29.62
N ASP A 107 -9.12 -20.01 29.22
CA ASP A 107 -8.77 -21.02 28.22
C ASP A 107 -8.86 -20.46 26.80
N ASN A 108 -9.15 -19.16 26.69
CA ASN A 108 -9.30 -18.53 25.39
C ASN A 108 -8.66 -17.15 25.33
N LEU A 109 -7.44 -17.04 25.87
CA LEU A 109 -6.75 -15.76 25.96
C LEU A 109 -5.96 -15.42 24.69
N THR A 110 -5.83 -16.38 23.79
CA THR A 110 -5.24 -16.12 22.49
C THR A 110 -6.29 -16.27 21.40
N LEU A 111 -6.61 -15.16 20.73
CA LEU A 111 -7.60 -15.17 19.66
C LEU A 111 -6.90 -15.29 18.32
N VAL A 112 -7.13 -16.39 17.63
CA VAL A 112 -6.44 -16.67 16.37
C VAL A 112 -7.37 -16.52 15.17
N LYS A 113 -6.98 -15.67 14.24
CA LYS A 113 -7.76 -15.44 13.02
C LYS A 113 -6.94 -15.80 11.79
N GLU A 114 -7.40 -16.80 11.05
CA GLU A 114 -6.72 -17.21 9.82
C GLU A 114 -7.50 -16.73 8.62
N VAL A 115 -6.87 -15.85 7.83
CA VAL A 115 -7.50 -15.30 6.64
C VAL A 115 -6.80 -15.83 5.41
N ARG A 116 -7.55 -16.54 4.56
CA ARG A 116 -6.98 -17.09 3.35
C ARG A 116 -7.44 -16.29 2.15
N ILE A 117 -6.51 -16.02 1.26
CA ILE A 117 -6.84 -15.34 0.01
C ILE A 117 -6.88 -16.38 -1.10
N LYS A 118 -7.63 -16.08 -2.16
CA LYS A 118 -7.72 -17.00 -3.29
C LYS A 118 -8.16 -16.26 -4.54
N GLU A 119 -7.36 -16.38 -5.60
CA GLU A 119 -7.69 -15.80 -6.89
C GLU A 119 -8.89 -16.53 -7.48
N GLU A 120 -10.05 -15.91 -7.42
CA GLU A 120 -11.26 -16.52 -7.95
C GLU A 120 -11.68 -15.87 -9.28
N LYS A 121 -12.91 -16.16 -9.70
CA LYS A 121 -13.32 -15.86 -11.06
C LYS A 121 -14.84 -15.77 -11.19
N ALA A 122 -15.32 -14.71 -11.83
CA ALA A 122 -16.76 -14.50 -12.00
C ALA A 122 -17.09 -13.81 -13.31
N LYS A 123 -18.22 -14.19 -13.90
CA LYS A 123 -18.67 -13.61 -15.18
C LYS A 123 -19.35 -12.26 -14.98
N ASP A 124 -18.96 -11.28 -15.79
CA ASP A 124 -19.62 -9.98 -15.76
C ASP A 124 -20.88 -10.02 -16.63
N ASP A 125 -21.53 -8.87 -16.77
CA ASP A 125 -22.77 -8.79 -17.53
C ASP A 125 -22.56 -9.03 -19.01
N GLU A 126 -21.32 -8.82 -19.46
CA GLU A 126 -20.93 -9.07 -20.84
C GLU A 126 -20.89 -10.58 -21.11
N GLY A 127 -20.57 -11.35 -20.08
CA GLY A 127 -20.49 -12.80 -20.20
C GLY A 127 -19.06 -13.28 -20.01
N LEU A 128 -18.15 -12.34 -19.84
CA LEU A 128 -16.72 -12.66 -19.73
C LEU A 128 -16.31 -12.88 -18.28
N GLU A 129 -15.44 -13.86 -18.06
CA GLU A 129 -14.91 -14.13 -16.74
C GLU A 129 -13.88 -13.08 -16.34
N LYS A 130 -13.94 -12.65 -15.08
CA LYS A 130 -12.96 -11.69 -14.56
C LYS A 130 -12.28 -12.24 -13.32
N LYS A 131 -11.01 -11.94 -13.16
CA LYS A 131 -10.25 -12.42 -12.01
C LYS A 131 -10.49 -11.53 -10.79
N ILE A 132 -10.89 -12.16 -9.70
CA ILE A 132 -11.17 -11.44 -8.46
C ILE A 132 -10.44 -12.08 -7.28
N THR A 133 -9.63 -11.29 -6.58
CA THR A 133 -8.95 -11.76 -5.38
C THR A 133 -9.90 -11.68 -4.19
N LYS A 134 -10.15 -12.82 -3.55
CA LYS A 134 -11.13 -12.91 -2.49
C LYS A 134 -10.47 -13.23 -1.14
N TYR A 135 -10.91 -12.53 -0.10
CA TYR A 135 -10.43 -12.78 1.26
C TYR A 135 -11.49 -13.53 2.05
N THR A 136 -11.15 -14.74 2.51
CA THR A 136 -12.08 -15.53 3.29
C THR A 136 -11.49 -16.01 4.61
N SER A 137 -12.35 -16.37 5.54
CA SER A 137 -11.91 -16.83 6.86
C SER A 137 -13.02 -17.58 7.59
N GLN A 138 -12.63 -18.63 8.31
CA GLN A 138 -13.60 -19.34 9.13
C GLN A 138 -13.94 -18.51 10.35
N PRO A 139 -15.21 -18.56 10.79
CA PRO A 139 -15.63 -17.83 11.99
C PRO A 139 -14.91 -18.36 13.22
N VAL A 140 -14.50 -17.47 14.12
CA VAL A 140 -13.80 -17.91 15.32
C VAL A 140 -14.70 -17.85 16.55
N ASP A 141 -14.92 -19.02 17.14
CA ASP A 141 -15.70 -19.17 18.36
C ASP A 141 -14.93 -18.65 19.58
N ILE A 142 -15.30 -17.47 20.07
CA ILE A 142 -14.64 -16.92 21.26
C ILE A 142 -15.36 -17.33 22.54
N HIS A 143 -14.61 -17.92 23.46
CA HIS A 143 -15.18 -18.35 24.74
C HIS A 143 -15.27 -17.18 25.71
N TRP A 144 -16.33 -16.38 25.57
CA TRP A 144 -16.54 -15.23 26.44
C TRP A 144 -16.92 -15.67 27.86
N LYS A 145 -16.60 -14.83 28.83
CA LYS A 145 -17.12 -15.01 30.18
C LYS A 145 -18.62 -14.66 30.16
N PRO A 146 -19.40 -15.19 31.11
CA PRO A 146 -20.86 -15.01 31.10
C PRO A 146 -21.31 -13.56 30.95
N GLY A 147 -22.10 -13.29 29.91
CA GLY A 147 -22.64 -11.97 29.66
C GLY A 147 -21.62 -10.92 29.29
N LYS A 148 -20.57 -11.33 28.60
CA LYS A 148 -19.49 -10.42 28.25
C LYS A 148 -19.17 -10.44 26.76
N SER A 149 -19.96 -11.19 25.99
CA SER A 149 -19.74 -11.32 24.56
C SER A 149 -19.75 -9.96 23.85
N LEU A 150 -18.75 -9.73 23.02
CA LEU A 150 -18.67 -8.49 22.26
C LEU A 150 -19.08 -8.72 20.81
N PHE A 151 -19.55 -9.92 20.52
CA PHE A 151 -20.15 -10.21 19.22
C PHE A 151 -21.53 -9.57 19.15
N ARG A 152 -21.87 -9.00 18.00
CA ARG A 152 -23.17 -8.37 17.83
C ARG A 152 -24.26 -9.40 17.65
N LYS A 153 -25.44 -9.09 18.19
CA LYS A 153 -26.59 -9.99 18.14
C LYS A 153 -26.95 -10.40 16.72
N ASN A 154 -27.04 -9.41 15.84
CA ASN A 154 -27.35 -9.65 14.44
C ASN A 154 -26.62 -8.66 13.54
N LYS A 155 -26.61 -8.95 12.25
CA LYS A 155 -25.90 -8.12 11.27
C LYS A 155 -26.63 -6.80 11.01
N LYS A 156 -26.99 -6.09 12.08
CA LYS A 156 -27.75 -4.85 11.97
C LYS A 156 -27.03 -3.68 12.65
N LEU A 157 -26.87 -3.78 13.96
CA LEU A 157 -26.13 -2.77 14.71
C LEU A 157 -24.70 -2.65 14.19
N PRO A 158 -24.23 -1.40 14.00
CA PRO A 158 -22.85 -1.09 13.64
C PRO A 158 -21.84 -1.94 14.41
N PRO A 159 -20.96 -2.65 13.69
CA PRO A 159 -20.06 -3.65 14.27
C PRO A 159 -18.93 -3.07 15.10
N ASN A 160 -18.51 -3.80 16.13
CA ASN A 160 -17.35 -3.41 16.92
C ASN A 160 -16.12 -4.17 16.43
N PHE A 161 -14.97 -3.92 17.06
CA PHE A 161 -13.71 -4.48 16.61
C PHE A 161 -13.70 -6.02 16.63
N PHE A 162 -14.28 -6.60 17.66
CA PHE A 162 -14.18 -8.04 17.85
C PHE A 162 -15.15 -8.82 16.97
N ASP A 163 -16.01 -8.12 16.25
CA ASP A 163 -16.86 -8.76 15.25
C ASP A 163 -16.02 -9.30 14.09
N TYR A 164 -14.80 -8.79 13.99
CA TYR A 164 -13.84 -9.24 12.97
C TYR A 164 -13.62 -10.75 13.02
N PHE A 165 -13.64 -11.31 14.22
CA PHE A 165 -13.40 -12.75 14.38
C PHE A 165 -14.58 -13.58 13.88
N GLN A 166 -15.72 -12.93 13.70
CA GLN A 166 -16.91 -13.58 13.15
C GLN A 166 -17.07 -13.34 11.66
N TRP A 167 -16.28 -12.41 11.11
CA TRP A 167 -16.31 -12.13 9.69
C TRP A 167 -15.76 -13.30 8.88
N THR A 168 -16.43 -13.63 7.78
CA THR A 168 -16.02 -14.76 6.95
C THR A 168 -15.66 -14.32 5.53
N GLY A 169 -16.23 -13.20 5.10
CA GLY A 169 -16.00 -12.71 3.76
C GLY A 169 -16.83 -13.42 2.70
N GLU A 170 -17.64 -14.38 3.14
CA GLU A 170 -18.46 -15.16 2.21
C GLU A 170 -19.95 -14.86 2.36
N GLU A 171 -20.29 -13.98 3.30
CA GLU A 171 -21.66 -13.51 3.45
C GLU A 171 -21.95 -12.45 2.40
N GLU A 172 -23.08 -12.61 1.69
CA GLU A 172 -23.40 -11.76 0.54
C GLU A 172 -23.44 -10.27 0.89
N ASP A 173 -23.94 -9.94 2.07
CA ASP A 173 -23.88 -8.57 2.55
C ASP A 173 -23.74 -8.54 4.05
N ASP A 174 -22.50 -8.43 4.51
CA ASP A 174 -22.20 -7.99 5.86
C ASP A 174 -21.50 -6.65 5.63
N ASP A 175 -21.72 -5.70 6.52
CA ASP A 175 -21.14 -4.37 6.36
C ASP A 175 -19.67 -4.34 6.80
N PHE A 176 -19.26 -5.36 7.55
CA PHE A 176 -17.89 -5.43 8.05
C PHE A 176 -16.90 -5.74 6.93
N ASP A 177 -16.11 -4.74 6.57
CA ASP A 177 -15.08 -4.91 5.54
C ASP A 177 -13.85 -5.59 6.13
N GLY A 178 -13.93 -6.90 6.35
CA GLY A 178 -12.85 -7.65 6.95
C GLY A 178 -11.60 -7.73 6.10
N ALA A 179 -11.79 -7.71 4.79
CA ALA A 179 -10.68 -7.77 3.85
C ALA A 179 -9.75 -6.57 4.03
N THR A 180 -10.34 -5.38 4.12
CA THR A 180 -9.57 -4.15 4.31
C THR A 180 -8.91 -4.14 5.68
N LEU A 181 -9.61 -4.63 6.70
CA LEU A 181 -9.05 -4.69 8.05
C LEU A 181 -7.87 -5.67 8.10
N THR A 182 -8.03 -6.81 7.45
CA THR A 182 -6.96 -7.80 7.38
C THR A 182 -5.70 -7.20 6.76
N ILE A 183 -5.89 -6.55 5.61
CA ILE A 183 -4.78 -5.92 4.91
C ILE A 183 -4.13 -4.84 5.76
N PHE A 184 -4.94 -4.00 6.41
CA PHE A 184 -4.40 -2.94 7.25
C PHE A 184 -3.59 -3.51 8.41
N LEU A 185 -4.13 -4.51 9.08
CA LEU A 185 -3.44 -5.13 10.20
C LEU A 185 -2.10 -5.74 9.77
N ALA A 186 -2.11 -6.46 8.66
CA ALA A 186 -0.94 -7.25 8.26
C ALA A 186 0.14 -6.42 7.55
N GLU A 187 -0.27 -5.38 6.83
CA GLU A 187 0.67 -4.63 6.00
CA GLU A 187 0.65 -4.62 5.99
C GLU A 187 0.99 -3.25 6.56
N ASP A 188 0.14 -2.74 7.45
CA ASP A 188 0.34 -1.40 7.98
C ASP A 188 0.59 -1.44 9.49
N LEU A 189 -0.43 -1.78 10.27
CA LEU A 189 -0.36 -1.71 11.72
C LEU A 189 0.75 -2.57 12.30
N PHE A 190 0.82 -3.83 11.88
CA PHE A 190 1.83 -4.76 12.42
C PHE A 190 3.27 -4.38 12.05
N PRO A 191 3.55 -4.12 10.75
CA PRO A 191 4.94 -3.74 10.45
C PRO A 191 5.37 -2.39 11.00
N ASN A 192 4.46 -1.42 11.07
CA ASN A 192 4.82 -0.08 11.51
C ASN A 192 4.53 0.19 13.00
N ALA A 193 4.33 -0.88 13.76
CA ALA A 193 3.85 -0.77 15.14
C ALA A 193 4.74 0.11 16.02
N VAL A 194 6.05 -0.14 15.99
CA VAL A 194 6.97 0.61 16.84
C VAL A 194 6.92 2.11 16.51
N LYS A 195 6.85 2.42 15.23
CA LYS A 195 6.74 3.81 14.79
C LYS A 195 5.42 4.44 15.26
N TYR A 196 4.34 3.68 15.17
CA TYR A 196 3.04 4.14 15.68
C TYR A 196 3.13 4.44 17.18
N PHE A 197 3.74 3.53 17.92
CA PHE A 197 3.85 3.69 19.37
C PHE A 197 4.72 4.89 19.74
N THR A 198 5.89 4.97 19.12
CA THR A 198 6.83 6.05 19.41
C THR A 198 6.23 7.40 19.08
N GLU A 199 5.54 7.48 17.96
CA GLU A 199 4.88 8.71 17.53
C GLU A 199 3.77 9.12 18.48
N ALA A 200 3.00 8.14 18.95
CA ALA A 200 1.91 8.42 19.88
C ALA A 200 2.45 8.93 21.21
N MET A 201 3.55 8.34 21.66
CA MET A 201 4.19 8.76 22.90
C MET A 201 4.74 10.17 22.77
N THR A 202 5.17 10.52 21.56
CA THR A 202 5.67 11.85 21.27
C THR A 202 4.57 12.87 21.47
N GLU A 203 3.45 12.61 20.80
CA GLU A 203 2.35 13.54 20.72
C GLU A 203 1.71 13.80 22.08
N GLU A 204 1.59 12.76 22.90
CA GLU A 204 0.97 12.91 24.20
C GLU A 204 2.00 13.21 25.28
N ALA A 205 3.18 13.68 24.86
CA ALA A 205 4.20 14.14 25.79
C ALA A 205 4.35 15.65 25.67
N SER A 206 3.78 16.21 24.60
CA SER A 206 3.83 17.65 24.36
C SER A 206 2.60 18.33 24.94
N ASP A 207 1.54 17.55 25.14
CA ASP A 207 0.30 18.08 25.68
C ASP A 207 0.44 18.45 27.15
N GLU B 2 11.89 -2.89 32.58
CA GLU B 2 13.12 -2.86 31.78
C GLU B 2 12.89 -2.21 30.42
N ALA B 3 12.07 -1.17 30.39
CA ALA B 3 11.71 -0.49 29.15
C ALA B 3 12.91 0.06 28.39
N ALA B 4 13.90 0.57 29.12
CA ALA B 4 15.10 1.12 28.50
C ALA B 4 15.76 0.08 27.59
N GLN B 5 15.91 -1.13 28.11
CA GLN B 5 16.53 -2.21 27.34
C GLN B 5 15.65 -2.62 26.15
N ALA B 6 14.34 -2.70 26.37
CA ALA B 6 13.42 -3.10 25.32
C ALA B 6 13.51 -2.15 24.12
N PHE B 7 13.47 -0.85 24.38
CA PHE B 7 13.47 0.13 23.30
C PHE B 7 14.83 0.25 22.64
N GLU B 8 15.90 0.00 23.40
CA GLU B 8 17.22 -0.05 22.81
C GLU B 8 17.30 -1.25 21.85
N ASN B 9 16.75 -2.38 22.28
CA ASN B 9 16.71 -3.57 21.45
C ASN B 9 15.83 -3.38 20.21
N LEU B 10 14.73 -2.66 20.36
CA LEU B 10 13.85 -2.36 19.23
C LEU B 10 14.59 -1.52 18.19
N ALA B 11 15.36 -0.55 18.66
CA ALA B 11 16.14 0.30 17.76
C ALA B 11 17.17 -0.51 16.98
N ASN B 12 17.89 -1.40 17.66
CA ASN B 12 18.82 -2.30 17.00
C ASN B 12 18.10 -3.12 15.93
N LEU B 13 16.93 -3.64 16.29
CA LEU B 13 16.16 -4.50 15.39
C LEU B 13 15.65 -3.75 14.16
N GLU B 14 15.30 -2.49 14.34
CA GLU B 14 14.85 -1.65 13.22
C GLU B 14 15.93 -1.54 12.15
N GLN B 15 17.20 -1.53 12.58
CA GLN B 15 18.32 -1.52 11.66
C GLN B 15 18.37 -2.79 10.81
N GLU B 16 18.06 -3.93 11.42
CA GLU B 16 18.05 -5.20 10.71
CA GLU B 16 18.05 -5.19 10.70
C GLU B 16 16.90 -5.24 9.71
N PHE B 17 15.77 -4.65 10.09
CA PHE B 17 14.62 -4.54 9.19
C PHE B 17 15.00 -3.72 7.97
N GLY B 18 15.79 -2.67 8.18
CA GLY B 18 16.23 -1.80 7.12
C GLY B 18 17.10 -2.52 6.11
N LYS B 19 18.06 -3.30 6.60
CA LYS B 19 18.95 -4.07 5.75
C LYS B 19 18.18 -5.13 4.96
N ALA B 20 17.16 -5.70 5.57
CA ALA B 20 16.34 -6.70 4.90
C ALA B 20 15.52 -6.08 3.77
N GLU B 21 14.94 -4.91 4.04
CA GLU B 21 14.15 -4.18 3.05
C GLU B 21 14.99 -3.82 1.83
N ILE B 22 16.26 -3.49 2.06
CA ILE B 22 17.17 -3.17 0.97
C ILE B 22 17.44 -4.39 0.11
N GLU B 23 17.63 -5.54 0.75
CA GLU B 23 17.84 -6.79 0.02
C GLU B 23 16.62 -7.13 -0.81
N ILE B 24 15.43 -6.93 -0.25
CA ILE B 24 14.18 -7.22 -0.95
C ILE B 24 14.00 -6.33 -2.19
N LEU B 25 14.30 -5.04 -2.03
CA LEU B 25 14.22 -4.10 -3.14
C LEU B 25 15.13 -4.50 -4.29
N LYS B 26 16.33 -4.97 -3.97
CA LYS B 26 17.28 -5.40 -5.00
C LYS B 26 16.76 -6.65 -5.71
N LYS B 27 16.24 -7.59 -4.93
CA LYS B 27 15.67 -8.82 -5.47
C LYS B 27 14.48 -8.48 -6.37
N GLN B 28 13.67 -7.54 -5.91
CA GLN B 28 12.51 -7.09 -6.66
C GLN B 28 12.91 -6.47 -8.00
N ASN B 29 13.92 -5.61 -7.96
CA ASN B 29 14.43 -4.97 -9.18
C ASN B 29 14.98 -6.00 -10.16
N GLU B 30 15.67 -7.01 -9.64
CA GLU B 30 16.27 -8.06 -10.45
C GLU B 30 15.23 -8.89 -11.19
N LEU B 31 14.16 -9.25 -10.49
CA LEU B 31 13.14 -10.12 -11.06
C LEU B 31 12.16 -9.39 -11.98
N PHE B 32 11.78 -8.18 -11.59
CA PHE B 32 10.68 -7.49 -12.29
C PHE B 32 11.11 -6.65 -13.48
N GLN B 33 12.31 -6.08 -13.42
CA GLN B 33 12.76 -5.20 -14.51
C GLN B 33 12.75 -5.87 -15.90
N PRO B 34 13.26 -7.11 -16.02
CA PRO B 34 13.18 -7.72 -17.36
C PRO B 34 11.75 -7.90 -17.84
N LEU B 35 10.83 -8.15 -16.90
CA LEU B 35 9.42 -8.30 -17.24
C LEU B 35 8.81 -6.96 -17.63
N PHE B 36 9.18 -5.90 -16.91
CA PHE B 36 8.71 -4.56 -17.24
C PHE B 36 9.23 -4.11 -18.60
N GLU B 37 10.46 -4.51 -18.92
CA GLU B 37 11.05 -4.19 -20.21
CA GLU B 37 11.06 -4.19 -20.22
C GLU B 37 10.27 -4.83 -21.36
N GLN B 38 9.92 -6.11 -21.18
CA GLN B 38 9.11 -6.82 -22.18
C GLN B 38 7.74 -6.20 -22.30
N ARG B 39 7.15 -5.85 -21.17
CA ARG B 39 5.82 -5.25 -21.15
C ARG B 39 5.82 -3.93 -21.88
N ARG B 40 6.87 -3.13 -21.65
CA ARG B 40 7.00 -1.82 -22.29
CA ARG B 40 7.01 -1.83 -22.28
C ARG B 40 6.91 -1.91 -23.81
N ASP B 41 7.55 -2.91 -24.38
CA ASP B 41 7.56 -3.11 -25.83
C ASP B 41 6.16 -3.46 -26.36
N ILE B 42 5.38 -4.14 -25.54
CA ILE B 42 4.00 -4.47 -25.93
C ILE B 42 3.09 -3.27 -25.82
N LEU B 43 3.16 -2.56 -24.70
CA LEU B 43 2.25 -1.46 -24.41
C LEU B 43 2.33 -0.31 -25.41
N LYS B 44 3.49 -0.14 -26.04
CA LYS B 44 3.67 0.97 -26.99
C LYS B 44 2.78 0.80 -28.21
N THR B 45 2.29 -0.42 -28.42
CA THR B 45 1.47 -0.72 -29.60
C THR B 45 -0.02 -0.54 -29.31
N ILE B 46 -0.36 -0.28 -28.05
CA ILE B 46 -1.75 -0.19 -27.64
C ILE B 46 -2.22 1.24 -27.47
N ASN B 47 -3.13 1.66 -28.36
CA ASN B 47 -3.68 3.02 -28.33
C ASN B 47 -4.34 3.38 -27.00
N ASN B 48 -3.97 4.55 -26.48
CA ASN B 48 -4.59 5.09 -25.27
C ASN B 48 -4.45 4.23 -24.01
N PHE B 49 -3.49 3.31 -24.00
CA PHE B 49 -3.32 2.44 -22.84
C PHE B 49 -3.11 3.21 -21.55
N TRP B 50 -2.14 4.11 -21.55
CA TRP B 50 -1.73 4.75 -20.30
C TRP B 50 -2.68 5.84 -19.83
N VAL B 51 -3.37 6.52 -20.74
CA VAL B 51 -4.34 7.53 -20.30
C VAL B 51 -5.56 6.83 -19.68
N VAL B 52 -5.92 5.66 -20.21
CA VAL B 52 -7.00 4.87 -19.63
C VAL B 52 -6.59 4.40 -18.25
N VAL B 53 -5.36 3.90 -18.13
CA VAL B 53 -4.81 3.45 -16.85
C VAL B 53 -4.77 4.59 -15.81
N LEU B 54 -4.28 5.75 -16.23
CA LEU B 54 -4.15 6.88 -15.31
C LEU B 54 -5.51 7.31 -14.77
N GLU B 55 -6.55 7.20 -15.59
CA GLU B 55 -7.87 7.65 -15.18
C GLU B 55 -8.69 6.56 -14.51
N ALA B 56 -8.11 5.38 -14.38
CA ALA B 56 -8.83 4.26 -13.77
C ALA B 56 -8.17 3.79 -12.48
N ALA B 57 -7.06 4.42 -12.11
CA ALA B 57 -6.22 3.94 -11.02
C ALA B 57 -6.66 4.41 -9.64
N GLY B 58 -7.68 5.26 -9.59
CA GLY B 58 -8.19 5.74 -8.32
C GLY B 58 -8.00 7.23 -8.08
N ASP B 59 -8.44 7.69 -6.91
CA ASP B 59 -8.47 9.10 -6.58
C ASP B 59 -7.09 9.74 -6.48
N GLU B 60 -6.09 8.97 -6.09
CA GLU B 60 -4.74 9.49 -5.93
C GLU B 60 -4.22 10.16 -7.21
N ILE B 61 -4.60 9.60 -8.35
CA ILE B 61 -4.22 10.17 -9.66
C ILE B 61 -5.31 11.08 -10.22
N SER B 62 -6.55 10.62 -10.16
N SER B 62 -6.56 10.62 -10.16
CA SER B 62 -7.67 11.32 -10.79
CA SER B 62 -7.66 11.33 -10.80
C SER B 62 -7.92 12.70 -10.19
C SER B 62 -7.91 12.71 -10.20
N GLN B 63 -7.42 12.93 -8.98
CA GLN B 63 -7.56 14.23 -8.34
C GLN B 63 -6.74 15.29 -9.06
N TYR B 64 -5.78 14.85 -9.87
CA TYR B 64 -4.89 15.76 -10.58
C TYR B 64 -5.25 15.92 -12.06
N ILE B 65 -5.94 14.94 -12.61
CA ILE B 65 -6.17 14.92 -14.06
C ILE B 65 -7.35 15.79 -14.47
N THR B 66 -7.04 16.90 -15.15
CA THR B 66 -8.02 17.80 -15.70
C THR B 66 -8.35 17.38 -17.14
N PRO B 67 -9.47 17.88 -17.69
CA PRO B 67 -9.76 17.59 -19.10
C PRO B 67 -8.61 17.98 -20.04
N GLU B 68 -7.92 19.08 -19.74
CA GLU B 68 -6.81 19.53 -20.59
C GLU B 68 -5.63 18.56 -20.46
N ASP B 69 -5.38 18.08 -19.26
CA ASP B 69 -4.38 17.02 -19.04
C ASP B 69 -4.68 15.79 -19.89
N SER B 70 -5.95 15.39 -19.85
CA SER B 70 -6.38 14.16 -20.48
CA SER B 70 -6.38 14.16 -20.48
C SER B 70 -6.14 14.16 -21.98
N VAL B 71 -6.33 15.32 -22.61
CA VAL B 71 -6.11 15.44 -24.05
C VAL B 71 -4.66 15.13 -24.41
N LEU B 72 -3.74 15.70 -23.65
CA LEU B 72 -2.32 15.44 -23.88
C LEU B 72 -1.96 13.99 -23.58
N LEU B 73 -2.52 13.44 -22.52
CA LEU B 73 -2.20 12.08 -22.09
C LEU B 73 -2.62 11.03 -23.11
N GLU B 74 -3.54 11.39 -24.00
CA GLU B 74 -3.92 10.52 -25.11
C GLU B 74 -2.75 10.21 -26.02
N LYS B 75 -1.75 11.10 -26.01
CA LYS B 75 -0.57 10.94 -26.84
C LYS B 75 0.57 10.31 -26.07
N LEU B 76 0.31 9.98 -24.80
CA LEU B 76 1.29 9.29 -23.96
C LEU B 76 1.46 7.85 -24.45
N GLU B 77 2.63 7.55 -24.98
CA GLU B 77 2.92 6.23 -25.54
C GLU B 77 3.36 5.23 -24.49
N ASN B 78 4.15 5.69 -23.52
CA ASN B 78 4.61 4.79 -22.47
C ASN B 78 4.95 5.50 -21.19
N ILE B 79 4.74 4.80 -20.08
CA ILE B 79 5.27 5.21 -18.79
C ILE B 79 6.25 4.14 -18.35
N TYR B 80 7.43 4.54 -17.90
CA TYR B 80 8.37 3.58 -17.35
C TYR B 80 8.86 4.04 -15.99
N VAL B 81 9.00 3.08 -15.07
CA VAL B 81 9.48 3.37 -13.73
C VAL B 81 10.67 2.48 -13.44
N GLU B 82 11.76 3.08 -12.98
CA GLU B 82 12.98 2.33 -12.74
C GLU B 82 13.72 2.86 -11.52
N ARG B 83 14.16 1.93 -10.67
CA ARG B 83 15.05 2.26 -9.56
C ARG B 83 16.47 2.23 -10.09
N PHE B 84 17.04 3.42 -10.29
CA PHE B 84 18.26 3.56 -11.07
C PHE B 84 19.53 3.69 -10.23
N ASN B 85 19.37 4.10 -8.97
CA ASN B 85 20.53 4.33 -8.11
C ASN B 85 20.81 3.13 -7.20
N GLU B 86 21.91 2.44 -7.48
CA GLU B 86 22.30 1.29 -6.68
C GLU B 86 22.67 1.68 -5.24
N LYS B 87 23.39 2.78 -5.09
CA LYS B 87 23.84 3.23 -3.78
C LYS B 87 22.70 3.84 -2.97
N GLU B 88 21.53 3.96 -3.61
CA GLU B 88 20.35 4.50 -2.98
C GLU B 88 19.11 3.90 -3.63
N PRO B 89 18.85 2.61 -3.34
CA PRO B 89 17.92 1.74 -4.09
C PRO B 89 16.46 2.20 -4.10
N ARG B 90 16.10 3.18 -3.27
CA ARG B 90 14.74 3.67 -3.28
C ARG B 90 14.52 4.78 -4.32
N ASP B 91 15.61 5.36 -4.81
CA ASP B 91 15.52 6.40 -5.84
C ASP B 91 14.84 5.86 -7.10
N VAL B 92 13.91 6.64 -7.65
CA VAL B 92 13.15 6.23 -8.81
C VAL B 92 13.20 7.23 -9.95
N ARG B 93 13.25 6.70 -11.17
CA ARG B 93 13.14 7.50 -12.36
C ARG B 93 11.83 7.16 -13.05
N ILE B 94 10.98 8.18 -13.22
CA ILE B 94 9.71 8.00 -13.90
C ILE B 94 9.75 8.71 -15.24
N SER B 95 9.60 7.94 -16.32
CA SER B 95 9.73 8.47 -17.66
C SER B 95 8.42 8.37 -18.43
N LEU B 96 7.98 9.49 -18.98
CA LEU B 96 6.79 9.54 -19.82
C LEU B 96 7.19 9.82 -21.27
N THR B 97 6.88 8.87 -22.15
CA THR B 97 7.23 9.00 -23.56
C THR B 97 6.00 9.35 -24.39
N PHE B 98 6.03 10.51 -25.05
CA PHE B 98 4.90 10.99 -25.83
C PHE B 98 5.13 10.86 -27.34
N GLN B 99 4.04 10.64 -28.07
CA GLN B 99 4.03 10.83 -29.51
C GLN B 99 3.90 12.33 -29.78
N PRO B 100 4.30 12.79 -30.98
CA PRO B 100 4.16 14.21 -31.34
C PRO B 100 2.76 14.73 -31.07
N ASN B 101 2.64 15.95 -30.56
CA ASN B 101 1.36 16.47 -30.11
C ASN B 101 1.34 17.99 -30.09
N GLU B 102 0.21 18.57 -29.68
CA GLU B 102 0.04 20.02 -29.73
C GLU B 102 0.51 20.73 -28.46
N TYR B 103 0.98 19.98 -27.47
CA TYR B 103 1.40 20.56 -26.21
C TYR B 103 2.91 20.67 -26.06
N LEU B 104 3.62 19.63 -26.51
CA LEU B 104 5.07 19.54 -26.33
C LEU B 104 5.83 19.81 -27.62
N GLN B 105 6.93 20.53 -27.52
CA GLN B 105 7.84 20.67 -28.66
C GLN B 105 8.46 19.32 -28.94
N ASP B 106 8.82 19.07 -30.20
CA ASP B 106 9.33 17.77 -30.63
C ASP B 106 10.64 17.36 -29.97
N ASP B 107 11.40 18.33 -29.48
CA ASP B 107 12.68 18.03 -28.86
C ASP B 107 12.50 17.70 -27.39
N ASN B 108 11.25 17.57 -26.96
CA ASN B 108 10.96 17.29 -25.56
C ASN B 108 9.77 16.35 -25.40
N LEU B 109 9.81 15.22 -26.10
CA LEU B 109 8.71 14.26 -26.07
C LEU B 109 8.89 13.18 -25.02
N THR B 110 10.04 13.19 -24.35
CA THR B 110 10.25 12.28 -23.22
C THR B 110 10.45 13.09 -21.95
N LEU B 111 9.50 12.96 -21.04
CA LEU B 111 9.56 13.68 -19.77
C LEU B 111 10.08 12.77 -18.68
N VAL B 112 11.21 13.14 -18.09
CA VAL B 112 11.85 12.30 -17.09
C VAL B 112 11.85 12.96 -15.71
N LYS B 113 11.27 12.26 -14.74
CA LYS B 113 11.24 12.73 -13.36
C LYS B 113 12.09 11.81 -12.48
N GLU B 114 13.07 12.36 -11.81
CA GLU B 114 13.92 11.58 -10.91
C GLU B 114 13.69 12.00 -9.47
N VAL B 115 13.26 11.04 -8.65
CA VAL B 115 12.95 11.34 -7.26
C VAL B 115 13.93 10.64 -6.33
N ARG B 116 14.66 11.43 -5.55
CA ARG B 116 15.60 10.90 -4.58
C ARG B 116 14.86 10.65 -3.28
N ILE B 117 14.99 9.42 -2.79
CA ILE B 117 14.28 8.98 -1.59
C ILE B 117 15.29 8.54 -0.55
N LYS B 118 15.49 9.39 0.45
CA LYS B 118 16.59 9.23 1.39
C LYS B 118 16.12 9.27 2.85
N GLU B 119 16.76 8.48 3.70
CA GLU B 119 16.54 8.52 5.14
C GLU B 119 17.16 9.78 5.72
N GLU B 120 16.36 10.56 6.44
CA GLU B 120 16.85 11.79 7.07
C GLU B 120 16.44 11.86 8.54
N LYS B 121 16.85 12.92 9.22
CA LYS B 121 16.46 13.14 10.61
C LYS B 121 15.95 14.56 10.82
N ALA B 122 15.04 14.72 11.77
CA ALA B 122 14.48 16.04 12.08
C ALA B 122 14.13 16.16 13.55
N LYS B 123 14.65 17.19 14.20
CA LYS B 123 14.38 17.48 15.61
C LYS B 123 12.88 17.67 15.86
N ASP B 124 12.34 17.05 16.90
CA ASP B 124 10.92 17.15 17.17
C ASP B 124 10.59 18.07 18.36
N ASP B 125 9.59 17.67 19.13
CA ASP B 125 9.26 18.28 20.44
C ASP B 125 10.37 18.92 21.31
N GLU B 126 11.08 18.12 22.05
CA GLU B 126 12.01 18.60 23.06
C GLU B 126 13.41 18.40 22.49
N GLY B 127 13.52 18.55 21.16
CA GLY B 127 14.80 18.42 20.47
C GLY B 127 15.32 17.00 20.37
N LEU B 128 14.42 16.04 20.19
CA LEU B 128 14.85 14.66 19.97
C LEU B 128 14.85 14.37 18.47
N GLU B 129 15.91 13.72 17.99
CA GLU B 129 16.01 13.36 16.59
C GLU B 129 15.00 12.28 16.25
N LYS B 130 14.43 12.39 15.05
CA LYS B 130 13.42 11.43 14.59
C LYS B 130 13.69 11.07 13.13
N LYS B 131 13.75 9.78 12.86
CA LYS B 131 14.02 9.31 11.49
C LYS B 131 12.83 9.59 10.58
N ILE B 132 13.12 10.21 9.43
CA ILE B 132 12.10 10.44 8.42
C ILE B 132 12.62 10.06 7.03
N THR B 133 11.71 9.63 6.16
CA THR B 133 12.06 9.37 4.78
C THR B 133 11.72 10.59 3.93
N LYS B 134 12.74 11.26 3.43
CA LYS B 134 12.54 12.50 2.68
C LYS B 134 12.52 12.24 1.17
N TYR B 135 11.53 12.83 0.50
CA TYR B 135 11.37 12.70 -0.94
C TYR B 135 11.65 14.03 -1.63
N THR B 136 12.72 14.09 -2.42
CA THR B 136 13.06 15.31 -3.14
C THR B 136 13.32 15.04 -4.62
N SER B 137 13.28 16.10 -5.41
CA SER B 137 13.51 15.99 -6.84
C SER B 137 13.88 17.32 -7.47
N GLN B 138 14.70 17.28 -8.51
CA GLN B 138 15.00 18.46 -9.29
C GLN B 138 13.76 18.85 -10.09
N PRO B 139 13.49 20.16 -10.20
CA PRO B 139 12.39 20.61 -11.04
C PRO B 139 12.69 20.31 -12.51
N VAL B 140 11.69 19.87 -13.24
CA VAL B 140 11.87 19.52 -14.64
C VAL B 140 11.22 20.58 -15.53
N ASP B 141 12.05 21.34 -16.24
CA ASP B 141 11.54 22.34 -17.16
C ASP B 141 11.05 21.65 -18.43
N ILE B 142 9.80 21.92 -18.81
CA ILE B 142 9.22 21.31 -19.98
C ILE B 142 9.06 22.33 -21.10
N HIS B 143 9.47 21.95 -22.31
CA HIS B 143 9.40 22.84 -23.46
C HIS B 143 7.99 22.85 -24.05
N TRP B 144 7.09 23.61 -23.43
CA TRP B 144 5.71 23.70 -23.91
C TRP B 144 5.59 24.52 -25.17
N LYS B 145 4.73 24.08 -26.09
CA LYS B 145 4.37 24.89 -27.24
C LYS B 145 3.62 26.14 -26.76
N PRO B 146 3.64 27.22 -27.56
CA PRO B 146 3.01 28.48 -27.13
C PRO B 146 1.56 28.32 -26.70
N GLY B 147 1.22 28.85 -25.53
CA GLY B 147 -0.14 28.82 -25.02
C GLY B 147 -0.61 27.46 -24.52
N LYS B 148 0.29 26.48 -24.45
CA LYS B 148 -0.10 25.12 -24.09
C LYS B 148 0.52 24.61 -22.80
N SER B 149 1.17 25.50 -22.03
CA SER B 149 1.80 25.08 -20.78
C SER B 149 0.77 24.59 -19.77
N LEU B 150 1.08 23.47 -19.12
CA LEU B 150 0.21 22.95 -18.07
C LEU B 150 0.88 23.10 -16.70
N PHE B 151 1.80 24.05 -16.60
CA PHE B 151 2.40 24.42 -15.32
C PHE B 151 1.63 25.58 -14.68
N ARG B 152 1.18 25.40 -13.45
CA ARG B 152 0.64 26.53 -12.70
C ARG B 152 1.80 27.46 -12.34
N LYS B 153 1.54 28.77 -12.31
CA LYS B 153 2.57 29.74 -11.99
C LYS B 153 2.48 30.18 -10.53
N ASN B 154 1.30 30.07 -9.96
CA ASN B 154 1.10 30.34 -8.54
C ASN B 154 0.31 29.21 -7.90
N LYS B 155 0.36 29.12 -6.57
CA LYS B 155 -0.27 28.00 -5.89
C LYS B 155 -1.69 28.34 -5.43
N LYS B 156 -2.23 29.43 -5.97
CA LYS B 156 -3.65 29.71 -5.82
C LYS B 156 -4.43 28.71 -6.68
N LEU B 157 -3.83 28.32 -7.80
CA LEU B 157 -4.42 27.34 -8.70
C LEU B 157 -4.14 25.92 -8.21
N PRO B 158 -5.18 25.08 -8.16
CA PRO B 158 -5.00 23.67 -7.79
C PRO B 158 -4.05 22.96 -8.74
N PRO B 159 -3.14 22.14 -8.21
CA PRO B 159 -2.13 21.47 -9.04
C PRO B 159 -2.74 20.41 -9.94
N ASN B 160 -2.35 20.41 -11.21
CA ASN B 160 -2.76 19.35 -12.12
C ASN B 160 -1.64 18.34 -12.23
N PHE B 161 -1.86 17.29 -13.01
CA PHE B 161 -0.92 16.17 -13.08
C PHE B 161 0.50 16.61 -13.44
N PHE B 162 0.63 17.52 -14.40
CA PHE B 162 1.94 17.88 -14.90
C PHE B 162 2.71 18.82 -13.98
N ASP B 163 2.04 19.37 -12.97
CA ASP B 163 2.71 20.14 -11.94
C ASP B 163 3.67 19.26 -11.15
N TYR B 164 3.47 17.95 -11.23
CA TYR B 164 4.36 16.98 -10.60
C TYR B 164 5.81 17.19 -11.03
N PHE B 165 6.00 17.53 -12.30
CA PHE B 165 7.36 17.72 -12.83
C PHE B 165 8.07 18.92 -12.24
N GLN B 166 7.31 19.90 -11.73
CA GLN B 166 7.91 21.05 -11.08
C GLN B 166 8.05 20.85 -9.56
N TRP B 167 7.46 19.79 -9.04
CA TRP B 167 7.55 19.50 -7.61
C TRP B 167 8.96 19.11 -7.22
N THR B 168 9.45 19.68 -6.12
CA THR B 168 10.81 19.43 -5.67
C THR B 168 10.87 18.72 -4.33
N GLY B 169 9.79 18.83 -3.56
CA GLY B 169 9.76 18.28 -2.21
C GLY B 169 10.65 19.05 -1.26
N GLU B 170 11.10 20.22 -1.69
CA GLU B 170 12.02 21.04 -0.91
C GLU B 170 11.33 22.25 -0.29
N GLU B 171 10.06 22.43 -0.60
CA GLU B 171 9.32 23.60 -0.13
C GLU B 171 8.40 23.27 1.03
N GLU B 172 8.57 24.01 2.13
CA GLU B 172 7.65 23.95 3.25
C GLU B 172 6.27 24.39 2.78
N ASP B 173 6.28 25.32 1.82
CA ASP B 173 5.08 25.84 1.18
C ASP B 173 4.19 24.72 0.63
N ASP B 174 4.71 24.03 -0.39
CA ASP B 174 3.96 23.16 -1.29
C ASP B 174 2.77 22.39 -0.70
N ASP B 175 1.66 22.43 -1.43
CA ASP B 175 0.48 21.65 -1.08
C ASP B 175 0.42 20.39 -1.92
N PHE B 176 1.25 20.33 -2.96
CA PHE B 176 1.34 19.17 -3.83
C PHE B 176 2.11 18.04 -3.13
N ASP B 177 1.40 16.97 -2.79
CA ASP B 177 2.01 15.83 -2.14
C ASP B 177 2.70 14.93 -3.17
N GLY B 178 3.87 15.36 -3.64
CA GLY B 178 4.59 14.62 -4.66
C GLY B 178 5.15 13.30 -4.18
N ALA B 179 5.36 13.20 -2.87
CA ALA B 179 5.88 11.96 -2.28
C ALA B 179 4.87 10.84 -2.40
N THR B 180 3.62 11.13 -2.06
CA THR B 180 2.57 10.13 -2.13
C THR B 180 2.32 9.73 -3.57
N LEU B 181 2.39 10.71 -4.48
CA LEU B 181 2.19 10.42 -5.90
C LEU B 181 3.31 9.55 -6.44
N THR B 182 4.55 9.86 -6.06
CA THR B 182 5.70 9.08 -6.49
C THR B 182 5.56 7.61 -6.07
N ILE B 183 5.18 7.40 -4.83
CA ILE B 183 4.99 6.05 -4.29
C ILE B 183 3.86 5.34 -5.02
N PHE B 184 2.74 6.04 -5.23
CA PHE B 184 1.62 5.44 -5.93
C PHE B 184 2.00 5.02 -7.35
N LEU B 185 2.67 5.91 -8.06
CA LEU B 185 3.08 5.64 -9.44
C LEU B 185 4.02 4.45 -9.53
N ALA B 186 5.01 4.43 -8.63
CA ALA B 186 6.05 3.42 -8.69
C ALA B 186 5.61 2.06 -8.16
N GLU B 187 4.74 2.06 -7.14
CA GLU B 187 4.41 0.82 -6.45
C GLU B 187 3.01 0.29 -6.73
N ASP B 188 2.14 1.13 -7.27
CA ASP B 188 0.75 0.73 -7.51
C ASP B 188 0.39 0.81 -9.00
N LEU B 189 0.38 2.02 -9.54
CA LEU B 189 -0.05 2.22 -10.92
C LEU B 189 0.80 1.44 -11.92
N PHE B 190 2.12 1.59 -11.83
CA PHE B 190 3.01 0.97 -12.81
C PHE B 190 3.00 -0.57 -12.74
N PRO B 191 3.12 -1.16 -11.54
CA PRO B 191 3.05 -2.62 -11.51
C PRO B 191 1.69 -3.20 -11.88
N ASN B 192 0.61 -2.47 -11.62
CA ASN B 192 -0.74 -2.99 -11.86
C ASN B 192 -1.42 -2.42 -13.12
N ALA B 193 -0.62 -1.88 -14.04
CA ALA B 193 -1.15 -1.15 -15.19
C ALA B 193 -2.12 -1.95 -16.06
N VAL B 194 -1.76 -3.19 -16.40
CA VAL B 194 -2.60 -3.99 -17.28
C VAL B 194 -3.93 -4.32 -16.62
N LYS B 195 -3.89 -4.56 -15.32
CA LYS B 195 -5.10 -4.83 -14.56
C LYS B 195 -6.02 -3.60 -14.55
N TYR B 196 -5.45 -2.42 -14.29
CA TYR B 196 -6.22 -1.18 -14.31
C TYR B 196 -6.85 -0.95 -15.69
N PHE B 197 -6.05 -1.16 -16.73
CA PHE B 197 -6.57 -1.02 -18.09
C PHE B 197 -7.71 -1.99 -18.36
N THR B 198 -7.50 -3.25 -17.99
CA THR B 198 -8.47 -4.29 -18.27
C THR B 198 -9.76 -4.04 -17.50
N GLU B 199 -9.63 -3.59 -16.25
N GLU B 199 -9.63 -3.58 -16.26
CA GLU B 199 -10.78 -3.23 -15.44
CA GLU B 199 -10.81 -3.26 -15.45
C GLU B 199 -11.56 -2.10 -16.08
C GLU B 199 -11.57 -2.09 -16.07
N ALA B 200 -10.84 -1.08 -16.55
CA ALA B 200 -11.46 0.08 -17.19
C ALA B 200 -12.20 -0.33 -18.45
N MET B 201 -11.63 -1.26 -19.21
CA MET B 201 -12.23 -1.73 -20.44
C MET B 201 -13.41 -2.67 -20.18
N THR B 202 -13.61 -3.05 -18.93
CA THR B 202 -14.75 -3.88 -18.56
C THR B 202 -15.71 -3.13 -17.63
N GLU B 203 -15.47 -1.84 -17.42
CA GLU B 203 -16.36 -1.02 -16.61
C GLU B 203 -17.71 -0.87 -17.32
N GLU B 204 -18.77 -0.77 -16.51
CA GLU B 204 -20.12 -0.65 -17.04
C GLU B 204 -20.66 0.77 -16.83
N ALA B 205 -21.83 1.04 -17.39
CA ALA B 205 -22.42 2.38 -17.30
C ALA B 205 -23.03 2.65 -15.92
N SER B 206 -23.30 3.92 -15.65
CA SER B 206 -23.82 4.33 -14.36
C SER B 206 -25.32 4.07 -14.23
N ASP B 207 -26.05 4.23 -15.34
CA ASP B 207 -27.48 4.02 -15.34
C ASP B 207 -27.83 2.54 -15.38
#